data_2ZB7
#
_entry.id   2ZB7
#
_cell.length_a   39.872
_cell.length_b   67.989
_cell.length_c   122.965
_cell.angle_alpha   90.00
_cell.angle_beta   90.00
_cell.angle_gamma   90.00
#
_symmetry.space_group_name_H-M   'P 21 21 21'
#
loop_
_entity.id
_entity.type
_entity.pdbx_description
1 polymer 'Prostaglandin reductase 2'
2 non-polymer 'NADPH DIHYDRO-NICOTINAMIDE-ADENINE-DINUCLEOTIDE PHOSPHATE'
3 non-polymer NICOTINAMIDE
4 water water
#
_entity_poly.entity_id   1
_entity_poly.type   'polypeptide(L)'
_entity_poly.pdbx_seq_one_letter_code
;AAAAAAMIVQRVVLNSRPGKNGNPVAENFRMEEVYLPDNINEGQVQVRTLYLSVDPYMRCRMNEDTGTDYITPWQLSQVV
DGGGIGIIEESKHTNLTKGDFVTSFYWPWQTKVILDGNSLEKVDPQLVDGHLSYFLGAIGMPGLTSLIGIQEKGHITAGS
NKTMVVSGAAGACGSVAGQIGHFLGCSRVVGICGTHEKCILLTSELGFDAAINYKKDNVAEQLRESCPAGVDVYFDNVGG
NISDTVISQMNENSHIILCGQISQYNKDVPYPPPLSPAIEAIQKERNITRERFLVLNYKDKFEPGILQLSQWFKEGKLKI
KETVINGLENMGAAFQSMMTGGNIGKQIVCISEEISL
;
_entity_poly.pdbx_strand_id   A
#
loop_
_chem_comp.id
_chem_comp.type
_chem_comp.name
_chem_comp.formula
NCA non-polymer NICOTINAMIDE 'C6 H6 N2 O'
NDP non-polymer 'NADPH DIHYDRO-NICOTINAMIDE-ADENINE-DINUCLEOTIDE PHOSPHATE' 'C21 H30 N7 O17 P3'
#
# COMPACT_ATOMS: atom_id res chain seq x y z
N MET A 7 1.00 -2.72 -33.54
CA MET A 7 0.20 -1.52 -33.11
C MET A 7 -0.80 -2.14 -32.17
N ILE A 8 -0.66 -3.44 -31.93
CA ILE A 8 -1.60 -4.17 -31.05
C ILE A 8 -1.20 -4.12 -29.60
N VAL A 9 -2.11 -3.75 -28.71
CA VAL A 9 -1.70 -3.74 -27.31
C VAL A 9 -2.80 -4.45 -26.52
N GLN A 10 -2.46 -4.88 -25.30
CA GLN A 10 -3.40 -5.52 -24.39
C GLN A 10 -3.74 -4.52 -23.31
N ARG A 11 -5.01 -4.54 -22.89
CA ARG A 11 -5.45 -3.66 -21.84
C ARG A 11 -6.45 -4.40 -20.95
N VAL A 12 -6.56 -3.94 -19.70
CA VAL A 12 -7.48 -4.55 -18.75
C VAL A 12 -8.62 -3.59 -18.49
N VAL A 13 -9.86 -4.08 -18.58
CA VAL A 13 -11.00 -3.23 -18.31
C VAL A 13 -11.83 -3.81 -17.16
N LEU A 14 -12.70 -3.02 -16.58
CA LEU A 14 -13.51 -3.51 -15.45
C LEU A 14 -14.69 -4.22 -16.06
N ASN A 15 -14.79 -5.51 -15.80
CA ASN A 15 -15.84 -6.30 -16.40
C ASN A 15 -17.16 -6.35 -15.64
N SER A 16 -17.06 -6.41 -14.31
CA SER A 16 -18.27 -6.44 -13.47
C SER A 16 -17.86 -5.90 -12.12
N ARG A 17 -18.86 -5.52 -11.35
CA ARG A 17 -18.59 -4.97 -10.03
C ARG A 17 -19.02 -6.03 -9.06
N PRO A 18 -18.26 -6.22 -7.97
CA PRO A 18 -18.67 -7.24 -6.99
C PRO A 18 -19.81 -6.80 -6.11
N GLY A 19 -20.08 -5.52 -6.03
CA GLY A 19 -21.10 -5.03 -5.13
C GLY A 19 -20.39 -4.55 -3.86
N LYS A 20 -20.92 -3.54 -3.18
CA LYS A 20 -20.23 -3.03 -1.98
C LYS A 20 -20.03 -4.08 -0.89
N ASN A 21 -20.91 -5.09 -0.84
CA ASN A 21 -20.79 -6.16 0.13
C ASN A 21 -20.21 -7.45 -0.44
N GLY A 22 -19.81 -7.44 -1.70
CA GLY A 22 -19.24 -8.66 -2.30
C GLY A 22 -17.71 -8.75 -2.22
N ASN A 23 -17.17 -9.90 -2.60
CA ASN A 23 -15.74 -10.08 -2.56
C ASN A 23 -15.21 -9.99 -3.99
N PRO A 24 -14.05 -9.33 -4.18
CA PRO A 24 -13.50 -9.21 -5.53
C PRO A 24 -12.92 -10.49 -6.01
N VAL A 25 -13.06 -10.74 -7.31
CA VAL A 25 -12.52 -11.92 -7.95
C VAL A 25 -11.79 -11.52 -9.23
N ALA A 26 -10.86 -12.35 -9.67
CA ALA A 26 -10.08 -12.01 -10.85
C ALA A 26 -11.01 -11.70 -12.00
N GLU A 27 -12.12 -12.45 -12.07
CA GLU A 27 -13.06 -12.28 -13.16
C GLU A 27 -13.77 -10.94 -13.24
N ASN A 28 -13.58 -10.07 -12.23
CA ASN A 28 -14.22 -8.77 -12.27
C ASN A 28 -13.48 -7.91 -13.29
N PHE A 29 -12.36 -8.41 -13.78
CA PHE A 29 -11.48 -7.71 -14.71
C PHE A 29 -11.42 -8.55 -15.97
N ARG A 30 -11.26 -7.89 -17.11
CA ARG A 30 -11.21 -8.59 -18.36
C ARG A 30 -10.12 -7.99 -19.24
N MET A 31 -9.33 -8.82 -19.88
CA MET A 31 -8.28 -8.30 -20.74
C MET A 31 -8.72 -8.43 -22.19
N GLU A 32 -8.50 -7.38 -22.98
CA GLU A 32 -8.80 -7.40 -24.40
C GLU A 32 -7.67 -6.73 -25.21
N GLU A 33 -7.73 -6.80 -26.53
CA GLU A 33 -6.72 -6.14 -27.36
C GLU A 33 -7.30 -4.95 -28.01
N VAL A 34 -6.48 -3.91 -28.22
CA VAL A 34 -6.98 -2.73 -28.92
C VAL A 34 -5.81 -2.30 -29.79
N TYR A 35 -6.09 -1.45 -30.78
CA TYR A 35 -5.03 -0.93 -31.62
C TYR A 35 -4.65 0.44 -31.09
N LEU A 36 -3.37 0.71 -31.12
CA LEU A 36 -2.91 2.00 -30.65
C LEU A 36 -2.64 2.86 -31.87
N PRO A 37 -3.59 3.76 -32.29
CA PRO A 37 -3.16 4.52 -33.48
C PRO A 37 -1.86 5.19 -33.18
N ASP A 38 -0.94 5.10 -34.15
CA ASP A 38 0.38 5.70 -34.08
C ASP A 38 0.27 7.18 -34.25
N ASN A 39 -0.65 7.77 -33.53
CA ASN A 39 -0.77 9.19 -33.68
C ASN A 39 -0.29 9.89 -32.35
N ILE A 40 1.00 10.23 -32.28
CA ILE A 40 1.51 11.01 -31.10
C ILE A 40 1.59 12.51 -31.37
N ASN A 41 0.77 13.30 -30.69
CA ASN A 41 0.76 14.74 -30.85
C ASN A 41 1.63 15.48 -29.89
N GLU A 42 1.68 16.79 -30.13
CA GLU A 42 2.43 17.72 -29.33
C GLU A 42 2.13 17.54 -27.87
N GLY A 43 3.19 17.34 -27.09
CA GLY A 43 3.02 17.22 -25.66
C GLY A 43 2.67 15.80 -25.21
N GLN A 44 2.62 14.85 -26.13
CA GLN A 44 2.31 13.49 -25.72
C GLN A 44 3.54 12.62 -25.79
N VAL A 45 3.50 11.48 -25.12
CA VAL A 45 4.64 10.55 -25.22
C VAL A 45 4.04 9.15 -25.37
N GLN A 46 4.81 8.22 -25.91
CA GLN A 46 4.41 6.83 -25.99
C GLN A 46 5.29 6.10 -24.96
N VAL A 47 4.66 5.35 -24.06
CA VAL A 47 5.41 4.62 -23.04
C VAL A 47 5.13 3.12 -23.11
N ARG A 48 6.10 2.35 -22.71
CA ARG A 48 5.99 0.94 -22.57
C ARG A 48 5.83 0.72 -21.04
N THR A 49 4.75 0.08 -20.62
CA THR A 49 4.53 -0.18 -19.20
C THR A 49 5.51 -1.24 -18.66
N LEU A 50 6.16 -0.97 -17.54
CA LEU A 50 7.10 -1.92 -17.00
C LEU A 50 6.46 -2.64 -15.77
N TYR A 51 5.96 -1.87 -14.81
CA TYR A 51 5.35 -2.45 -13.65
C TYR A 51 4.06 -1.74 -13.33
N LEU A 52 3.10 -2.51 -12.73
CA LEU A 52 1.84 -1.91 -12.27
C LEU A 52 1.64 -2.38 -10.87
N SER A 53 1.07 -1.49 -10.04
CA SER A 53 0.75 -1.82 -8.72
C SER A 53 -0.73 -2.33 -8.59
N VAL A 54 -1.00 -3.12 -7.56
CA VAL A 54 -2.37 -3.41 -7.11
C VAL A 54 -2.38 -2.98 -5.65
N ASP A 55 -3.46 -2.37 -5.19
CA ASP A 55 -3.49 -1.82 -3.84
C ASP A 55 -4.86 -2.00 -3.23
N PRO A 56 -4.95 -2.08 -1.90
CA PRO A 56 -6.25 -2.25 -1.24
C PRO A 56 -7.28 -1.17 -1.62
N TYR A 57 -6.83 0.10 -1.75
CA TYR A 57 -7.77 1.18 -2.09
C TYR A 57 -8.50 0.89 -3.41
N MET A 58 -7.91 0.07 -4.28
CA MET A 58 -8.61 -0.21 -5.53
C MET A 58 -9.95 -0.91 -5.26
N ARG A 59 -10.07 -1.54 -4.10
CA ARG A 59 -11.35 -2.20 -3.78
C ARG A 59 -12.51 -1.18 -3.82
N CYS A 60 -12.24 0.05 -3.36
CA CYS A 60 -13.22 1.15 -3.34
C CYS A 60 -13.52 1.59 -4.75
N ARG A 61 -12.51 1.60 -5.62
CA ARG A 61 -12.73 1.99 -7.02
C ARG A 61 -13.60 1.00 -7.77
N MET A 62 -13.66 -0.24 -7.29
CA MET A 62 -14.54 -1.22 -7.93
C MET A 62 -16.05 -0.94 -7.63
N ASN A 63 -16.37 -0.12 -6.63
CA ASN A 63 -17.74 0.17 -6.32
C ASN A 63 -18.22 1.38 -7.11
N GLU A 64 -19.51 1.41 -7.40
CA GLU A 64 -20.05 2.52 -8.14
C GLU A 64 -19.77 3.83 -7.41
N ASP A 65 -19.86 3.81 -6.09
CA ASP A 65 -19.58 4.99 -5.33
C ASP A 65 -18.45 4.67 -4.39
N THR A 66 -17.39 5.46 -4.45
CA THR A 66 -16.23 5.22 -3.61
C THR A 66 -16.35 5.69 -2.19
N GLY A 67 -17.24 6.63 -1.92
CA GLY A 67 -17.33 7.11 -0.56
C GLY A 67 -16.37 8.24 -0.21
N THR A 68 -15.64 8.78 -1.18
CA THR A 68 -14.73 9.89 -0.87
C THR A 68 -14.45 10.64 -2.14
N ASP A 69 -14.23 11.95 -2.00
CA ASP A 69 -13.97 12.81 -3.15
C ASP A 69 -12.58 12.58 -3.72
N TYR A 70 -11.69 12.02 -2.91
CA TYR A 70 -10.33 11.85 -3.36
C TYR A 70 -10.05 10.65 -4.28
N ILE A 71 -11.01 9.73 -4.42
CA ILE A 71 -10.84 8.57 -5.29
C ILE A 71 -12.11 8.46 -6.13
N THR A 72 -11.95 8.37 -7.44
CA THR A 72 -13.07 8.23 -8.36
C THR A 72 -13.27 6.76 -8.70
N PRO A 73 -14.53 6.34 -8.92
CA PRO A 73 -14.86 4.95 -9.27
C PRO A 73 -14.41 4.59 -10.65
N TRP A 74 -14.05 3.32 -10.85
CA TRP A 74 -13.67 2.84 -12.17
C TRP A 74 -14.98 2.67 -12.90
N GLN A 75 -14.92 2.72 -14.23
CA GLN A 75 -16.11 2.62 -15.05
C GLN A 75 -16.20 1.29 -15.74
N LEU A 76 -17.39 0.70 -15.80
CA LEU A 76 -17.51 -0.58 -16.49
C LEU A 76 -17.15 -0.45 -17.97
N SER A 77 -16.46 -1.48 -18.47
CA SER A 77 -16.01 -1.64 -19.82
C SER A 77 -14.91 -0.69 -20.25
N GLN A 78 -14.44 0.15 -19.33
CA GLN A 78 -13.36 1.08 -19.61
C GLN A 78 -12.01 0.62 -19.00
N VAL A 79 -10.89 1.09 -19.56
CA VAL A 79 -9.60 0.64 -19.06
C VAL A 79 -9.43 1.04 -17.59
N VAL A 80 -8.81 0.15 -16.80
CA VAL A 80 -8.59 0.43 -15.36
C VAL A 80 -7.25 1.21 -15.28
N ASP A 81 -6.97 1.83 -14.14
CA ASP A 81 -5.75 2.58 -14.01
C ASP A 81 -5.28 2.57 -12.57
N GLY A 82 -4.00 2.86 -12.35
CA GLY A 82 -3.47 2.87 -10.99
C GLY A 82 -2.00 3.21 -11.04
N GLY A 83 -1.29 3.05 -9.93
CA GLY A 83 0.13 3.34 -9.91
C GLY A 83 0.86 2.50 -10.94
N GLY A 84 1.76 3.14 -11.68
CA GLY A 84 2.52 2.44 -12.69
C GLY A 84 3.87 3.06 -12.93
N ILE A 85 4.80 2.29 -13.52
CA ILE A 85 6.17 2.77 -13.83
C ILE A 85 6.40 2.33 -15.28
N GLY A 86 7.02 3.19 -16.09
CA GLY A 86 7.28 2.79 -17.47
C GLY A 86 8.46 3.49 -18.05
N ILE A 87 8.78 3.16 -19.31
CA ILE A 87 9.87 3.82 -20.00
C ILE A 87 9.31 4.50 -21.26
N ILE A 88 9.78 5.72 -21.52
CA ILE A 88 9.38 6.48 -22.66
C ILE A 88 10.02 5.92 -23.92
N GLU A 89 9.21 5.50 -24.89
CA GLU A 89 9.80 4.98 -26.15
C GLU A 89 9.85 6.09 -27.21
N GLU A 90 8.97 7.07 -27.09
CA GLU A 90 8.96 8.17 -28.05
C GLU A 90 8.37 9.38 -27.40
N SER A 91 9.00 10.55 -27.58
CA SER A 91 8.43 11.74 -26.97
C SER A 91 8.22 12.95 -27.91
N LYS A 92 7.10 13.64 -27.77
CA LYS A 92 6.92 14.89 -28.53
C LYS A 92 6.56 15.92 -27.45
N HIS A 93 7.12 15.71 -26.27
CA HIS A 93 6.93 16.56 -25.11
C HIS A 93 8.31 17.13 -24.86
N THR A 94 8.37 18.45 -24.78
CA THR A 94 9.65 19.15 -24.65
C THR A 94 10.45 18.92 -23.38
N ASN A 95 9.83 18.33 -22.35
CA ASN A 95 10.56 18.07 -21.12
C ASN A 95 10.74 16.55 -20.84
N LEU A 96 10.40 15.68 -21.81
CA LEU A 96 10.63 14.23 -21.68
C LEU A 96 11.43 13.67 -22.89
N THR A 97 12.36 12.77 -22.59
CA THR A 97 13.20 12.18 -23.62
C THR A 97 13.07 10.64 -23.69
N LYS A 98 13.21 10.07 -24.88
CA LYS A 98 13.20 8.62 -25.08
C LYS A 98 14.19 8.00 -24.07
N GLY A 99 13.80 6.89 -23.43
CA GLY A 99 14.63 6.23 -22.41
C GLY A 99 14.40 6.75 -20.97
N ASP A 100 13.69 7.86 -20.81
CA ASP A 100 13.42 8.38 -19.47
C ASP A 100 12.48 7.41 -18.75
N PHE A 101 12.63 7.26 -17.42
CA PHE A 101 11.66 6.39 -16.69
C PHE A 101 10.68 7.32 -15.99
N VAL A 102 9.40 6.98 -16.08
CA VAL A 102 8.34 7.83 -15.57
C VAL A 102 7.28 7.03 -14.79
N THR A 103 6.51 7.74 -13.99
CA THR A 103 5.47 7.11 -13.18
C THR A 103 4.19 7.95 -13.20
N SER A 104 3.06 7.33 -12.84
CA SER A 104 1.82 8.12 -12.69
C SER A 104 0.99 7.33 -11.71
N PHE A 105 0.12 8.01 -10.97
CA PHE A 105 -0.80 7.32 -10.07
C PHE A 105 -2.05 6.90 -10.89
N TYR A 106 -2.13 7.32 -12.16
CA TYR A 106 -3.27 7.01 -13.03
C TYR A 106 -2.82 6.35 -14.32
N TRP A 107 -1.91 5.40 -14.17
CA TRP A 107 -1.35 4.69 -15.32
C TRP A 107 -2.35 3.64 -15.82
N PRO A 108 -2.73 3.71 -17.11
CA PRO A 108 -3.69 2.74 -17.63
C PRO A 108 -3.14 1.32 -17.62
N TRP A 109 -3.99 0.34 -17.34
CA TRP A 109 -3.54 -1.04 -17.33
C TRP A 109 -3.47 -1.53 -18.78
N GLN A 110 -2.36 -1.18 -19.43
CA GLN A 110 -2.21 -1.45 -20.83
C GLN A 110 -0.74 -1.57 -21.16
N THR A 111 -0.41 -2.42 -22.11
CA THR A 111 1.02 -2.66 -22.39
C THR A 111 1.82 -1.47 -22.92
N LYS A 112 1.25 -0.70 -23.85
CA LYS A 112 1.93 0.51 -24.37
C LYS A 112 0.83 1.53 -24.39
N VAL A 113 1.17 2.79 -24.10
CA VAL A 113 0.19 3.86 -23.98
C VAL A 113 0.72 5.17 -24.52
N ILE A 114 -0.18 6.02 -25.00
CA ILE A 114 0.24 7.35 -25.44
C ILE A 114 -0.51 8.19 -24.47
N LEU A 115 0.24 9.00 -23.73
CA LEU A 115 -0.25 9.84 -22.65
C LEU A 115 0.24 11.27 -22.82
N ASP A 116 -0.41 12.18 -22.13
CA ASP A 116 0.00 13.57 -22.13
C ASP A 116 1.23 13.56 -21.20
N GLY A 117 2.37 14.08 -21.67
CA GLY A 117 3.58 14.16 -20.85
C GLY A 117 3.38 14.88 -19.53
N ASN A 118 2.44 15.80 -19.48
CA ASN A 118 2.23 16.52 -18.25
C ASN A 118 1.59 15.67 -17.15
N SER A 119 1.08 14.47 -17.46
CA SER A 119 0.46 13.64 -16.40
C SER A 119 1.45 12.64 -15.81
N LEU A 120 2.70 12.72 -16.25
CA LEU A 120 3.75 11.84 -15.81
C LEU A 120 4.77 12.56 -14.97
N GLU A 121 5.52 11.80 -14.18
CA GLU A 121 6.55 12.34 -13.32
C GLU A 121 7.82 11.55 -13.65
N LYS A 122 8.87 12.21 -14.05
CA LYS A 122 10.12 11.51 -14.40
C LYS A 122 10.72 11.06 -13.05
N VAL A 123 11.21 9.82 -12.97
CA VAL A 123 11.81 9.31 -11.70
C VAL A 123 13.30 9.14 -11.86
N ASP A 124 13.96 9.08 -10.70
CA ASP A 124 15.41 8.97 -10.66
C ASP A 124 15.79 7.57 -10.15
N PRO A 125 16.23 6.66 -11.06
CA PRO A 125 16.61 5.30 -10.66
C PRO A 125 17.62 5.17 -9.53
N GLN A 126 18.51 6.15 -9.39
CA GLN A 126 19.51 5.99 -8.37
C GLN A 126 18.91 5.98 -6.95
N LEU A 127 17.73 6.60 -6.75
CA LEU A 127 17.08 6.60 -5.41
C LEU A 127 16.68 5.19 -4.95
N VAL A 128 16.52 4.26 -5.89
CA VAL A 128 16.06 2.90 -5.61
C VAL A 128 17.02 1.83 -6.09
N ASP A 129 18.26 2.23 -6.31
CA ASP A 129 19.29 1.34 -6.82
C ASP A 129 18.81 0.57 -8.05
N GLY A 130 18.02 1.25 -8.90
CA GLY A 130 17.56 0.65 -10.13
C GLY A 130 16.34 -0.24 -10.03
N HIS A 131 15.83 -0.44 -8.80
CA HIS A 131 14.62 -1.27 -8.61
C HIS A 131 13.44 -0.32 -8.76
N LEU A 132 13.01 -0.10 -10.00
CA LEU A 132 11.92 0.84 -10.28
C LEU A 132 10.59 0.50 -9.60
N SER A 133 10.31 -0.76 -9.39
CA SER A 133 9.06 -1.12 -8.71
C SER A 133 9.01 -0.58 -7.28
N TYR A 134 10.17 -0.24 -6.71
CA TYR A 134 10.15 0.29 -5.31
C TYR A 134 9.43 1.64 -5.29
N PHE A 135 9.39 2.32 -6.43
CA PHE A 135 8.69 3.59 -6.47
C PHE A 135 7.18 3.38 -6.33
N LEU A 136 6.69 2.15 -6.44
CA LEU A 136 5.25 1.87 -6.23
C LEU A 136 5.03 1.35 -4.79
N GLY A 137 6.12 1.28 -4.02
CA GLY A 137 6.02 0.68 -2.68
C GLY A 137 6.71 1.43 -1.57
N ALA A 138 7.78 0.81 -1.01
CA ALA A 138 8.52 1.37 0.10
C ALA A 138 9.11 2.75 -0.18
N ILE A 139 9.46 3.03 -1.44
CA ILE A 139 9.99 4.35 -1.78
C ILE A 139 8.89 5.00 -2.64
N GLY A 140 7.66 4.86 -2.18
CA GLY A 140 6.52 5.37 -2.92
C GLY A 140 5.36 5.55 -1.98
N MET A 141 4.15 5.54 -2.53
CA MET A 141 2.99 5.86 -1.68
C MET A 141 2.80 5.03 -0.40
N PRO A 142 2.93 3.70 -0.47
CA PRO A 142 2.77 2.90 0.77
C PRO A 142 3.82 3.30 1.82
N GLY A 143 5.06 3.44 1.37
CA GLY A 143 6.11 3.78 2.33
C GLY A 143 5.89 5.19 2.90
N LEU A 144 5.43 6.14 2.06
CA LEU A 144 5.18 7.52 2.51
C LEU A 144 4.02 7.46 3.50
N THR A 145 3.02 6.62 3.21
CA THR A 145 1.89 6.49 4.12
C THR A 145 2.37 6.03 5.50
N SER A 146 3.26 5.01 5.56
CA SER A 146 3.76 4.58 6.84
C SER A 146 4.59 5.63 7.55
N LEU A 147 5.50 6.24 6.80
CA LEU A 147 6.37 7.27 7.38
C LEU A 147 5.58 8.45 7.92
N ILE A 148 4.83 9.08 7.02
CA ILE A 148 4.04 10.25 7.40
C ILE A 148 3.01 9.90 8.45
N GLY A 149 2.35 8.74 8.33
CA GLY A 149 1.39 8.36 9.40
C GLY A 149 2.01 8.23 10.79
N ILE A 150 3.21 7.63 10.85
CA ILE A 150 3.90 7.50 12.11
C ILE A 150 4.33 8.86 12.61
N GLN A 151 4.88 9.68 11.72
CA GLN A 151 5.33 11.02 12.14
C GLN A 151 4.20 11.92 12.63
N GLU A 152 3.06 11.83 11.97
CA GLU A 152 1.93 12.68 12.32
C GLU A 152 1.05 12.18 13.42
N LYS A 153 0.88 10.87 13.49
CA LYS A 153 -0.08 10.31 14.42
C LYS A 153 0.46 9.40 15.48
N GLY A 154 1.73 9.02 15.34
CA GLY A 154 2.27 8.08 16.30
C GLY A 154 2.75 8.59 17.63
N HIS A 155 3.16 9.88 17.70
CA HIS A 155 3.70 10.48 18.90
C HIS A 155 4.84 9.74 19.52
N ILE A 156 5.79 9.30 18.69
CA ILE A 156 6.95 8.57 19.16
C ILE A 156 8.19 9.44 19.27
N THR A 157 8.90 9.31 20.36
CA THR A 157 10.13 10.09 20.54
C THR A 157 11.23 9.09 20.79
N ALA A 158 12.45 9.42 20.39
CA ALA A 158 13.56 8.50 20.65
C ALA A 158 13.66 8.25 22.15
N GLY A 159 13.88 7.00 22.54
CA GLY A 159 14.04 6.67 23.95
C GLY A 159 12.88 6.70 24.92
N SER A 160 11.64 6.71 24.41
CA SER A 160 10.50 6.72 25.31
C SER A 160 10.17 5.27 25.59
N ASN A 161 10.83 4.38 24.89
CA ASN A 161 10.61 2.97 25.13
C ASN A 161 9.17 2.49 24.95
N LYS A 162 8.51 3.02 23.95
CA LYS A 162 7.13 2.63 23.71
C LYS A 162 7.06 1.33 22.94
N THR A 163 5.93 0.64 23.09
CA THR A 163 5.67 -0.60 22.38
C THR A 163 4.73 -0.31 21.21
N MET A 164 5.12 -0.78 20.02
CA MET A 164 4.26 -0.56 18.88
C MET A 164 3.72 -1.92 18.39
N VAL A 165 2.45 -1.98 18.06
CA VAL A 165 1.88 -3.22 17.42
C VAL A 165 1.49 -2.78 16.01
N VAL A 166 1.82 -3.61 15.02
CA VAL A 166 1.47 -3.34 13.64
C VAL A 166 0.56 -4.49 13.11
N SER A 167 -0.67 -4.19 12.64
CA SER A 167 -1.47 -5.21 12.03
C SER A 167 -1.17 -5.16 10.49
N GLY A 168 -1.53 -6.21 9.76
CA GLY A 168 -1.17 -6.33 8.33
C GLY A 168 0.35 -6.14 8.27
N ALA A 169 1.05 -6.73 9.25
CA ALA A 169 2.47 -6.43 9.39
C ALA A 169 3.42 -6.86 8.32
N ALA A 170 3.02 -7.88 7.54
CA ALA A 170 3.90 -8.34 6.48
C ALA A 170 3.51 -7.83 5.12
N GLY A 171 2.64 -6.83 5.07
CA GLY A 171 2.24 -6.24 3.81
C GLY A 171 3.15 -5.04 3.52
N ALA A 172 2.83 -4.27 2.48
CA ALA A 172 3.64 -3.10 2.06
C ALA A 172 3.75 -2.04 3.15
N CYS A 173 2.61 -1.52 3.60
CA CYS A 173 2.67 -0.48 4.64
C CYS A 173 3.20 -0.98 5.98
N GLY A 174 2.74 -2.17 6.37
CA GLY A 174 3.07 -2.70 7.65
C GLY A 174 4.52 -3.17 7.74
N SER A 175 5.11 -3.73 6.67
CA SER A 175 6.49 -4.20 6.85
C SER A 175 7.42 -3.01 7.00
N VAL A 176 7.00 -1.90 6.41
CA VAL A 176 7.79 -0.67 6.43
C VAL A 176 7.52 0.02 7.77
N ALA A 177 6.25 0.09 8.14
CA ALA A 177 5.87 0.74 9.43
C ALA A 177 6.62 0.19 10.66
N GLY A 178 6.76 -1.15 10.76
CA GLY A 178 7.45 -1.79 11.86
C GLY A 178 8.90 -1.34 11.94
N GLN A 179 9.56 -1.29 10.80
CA GLN A 179 10.95 -0.83 10.84
C GLN A 179 11.10 0.60 11.21
N ILE A 180 10.22 1.46 10.67
CA ILE A 180 10.30 2.87 10.98
C ILE A 180 10.03 3.07 12.48
N GLY A 181 9.12 2.25 13.05
CA GLY A 181 8.85 2.34 14.48
C GLY A 181 10.14 2.13 15.28
N HIS A 182 10.97 1.23 14.84
CA HIS A 182 12.25 1.03 15.52
C HIS A 182 13.19 2.22 15.21
N PHE A 183 13.27 2.65 13.94
CA PHE A 183 14.16 3.75 13.60
C PHE A 183 13.90 4.99 14.45
N LEU A 184 12.64 5.22 14.74
CA LEU A 184 12.22 6.43 15.42
C LEU A 184 12.04 6.38 16.92
N GLY A 185 12.42 5.30 17.57
CA GLY A 185 12.28 5.29 19.00
C GLY A 185 11.52 4.23 19.75
N CYS A 186 10.64 3.47 19.09
CA CYS A 186 9.94 2.40 19.82
C CYS A 186 10.93 1.36 20.24
N SER A 187 10.82 0.86 21.46
CA SER A 187 11.75 -0.17 21.91
C SER A 187 11.28 -1.55 21.51
N ARG A 188 10.00 -1.73 21.34
CA ARG A 188 9.47 -3.04 21.00
C ARG A 188 8.49 -2.89 19.85
N VAL A 189 8.55 -3.79 18.86
CA VAL A 189 7.61 -3.70 17.71
C VAL A 189 7.10 -5.12 17.48
N VAL A 190 5.79 -5.30 17.59
CA VAL A 190 5.17 -6.63 17.45
C VAL A 190 4.25 -6.62 16.24
N GLY A 191 4.39 -7.64 15.39
CA GLY A 191 3.55 -7.64 14.21
C GLY A 191 2.47 -8.71 14.21
N ILE A 192 1.32 -8.38 13.64
CA ILE A 192 0.25 -9.39 13.54
C ILE A 192 0.02 -9.61 12.06
N CYS A 193 0.02 -10.88 11.64
CA CYS A 193 -0.14 -11.22 10.20
C CYS A 193 -0.85 -12.56 10.05
N GLY A 194 -1.22 -12.85 8.80
CA GLY A 194 -2.01 -14.04 8.50
C GLY A 194 -1.37 -15.40 8.28
N THR A 195 -0.05 -15.47 8.25
CA THR A 195 0.55 -16.77 8.00
C THR A 195 1.79 -17.03 8.79
N HIS A 196 2.10 -18.31 8.89
CA HIS A 196 3.28 -18.75 9.63
C HIS A 196 4.52 -18.28 8.91
N GLU A 197 4.49 -18.43 7.58
CA GLU A 197 5.62 -17.98 6.80
C GLU A 197 5.93 -16.48 6.99
N LYS A 198 4.88 -15.64 7.05
CA LYS A 198 5.07 -14.20 7.27
C LYS A 198 5.62 -13.91 8.65
N CYS A 199 5.19 -14.67 9.66
CA CYS A 199 5.65 -14.53 11.04
C CYS A 199 7.15 -14.73 11.07
N ILE A 200 7.60 -15.77 10.37
CA ILE A 200 9.03 -16.06 10.31
C ILE A 200 9.83 -14.91 9.69
N LEU A 201 9.37 -14.35 8.59
CA LEU A 201 10.06 -13.23 7.95
C LEU A 201 10.07 -12.00 8.86
N LEU A 202 8.97 -11.76 9.52
CA LEU A 202 8.90 -10.56 10.38
C LEU A 202 10.04 -10.56 11.42
N THR A 203 10.22 -11.68 12.12
CA THR A 203 11.29 -11.74 13.12
C THR A 203 12.72 -12.09 12.58
N SER A 204 12.80 -12.85 11.49
CA SER A 204 14.12 -13.26 11.04
C SER A 204 14.81 -12.26 10.11
N GLU A 205 14.02 -11.48 9.40
CA GLU A 205 14.55 -10.52 8.44
C GLU A 205 14.19 -9.03 8.64
N LEU A 206 12.96 -8.74 9.07
CA LEU A 206 12.50 -7.36 9.20
C LEU A 206 12.72 -6.73 10.58
N GLY A 207 13.32 -7.47 11.50
CA GLY A 207 13.64 -6.87 12.78
C GLY A 207 12.54 -6.71 13.79
N PHE A 208 11.36 -7.31 13.57
CA PHE A 208 10.28 -7.21 14.54
C PHE A 208 10.69 -8.06 15.77
N ASP A 209 10.27 -7.62 16.95
CA ASP A 209 10.60 -8.32 18.17
C ASP A 209 9.79 -9.59 18.35
N ALA A 210 8.56 -9.60 17.82
CA ALA A 210 7.74 -10.79 17.89
C ALA A 210 6.73 -10.74 16.77
N ALA A 211 6.15 -11.90 16.44
CA ALA A 211 5.12 -11.94 15.42
C ALA A 211 3.95 -12.84 15.86
N ILE A 212 2.74 -12.42 15.53
CA ILE A 212 1.51 -13.13 15.88
C ILE A 212 0.72 -13.53 14.64
N ASN A 213 0.36 -14.82 14.51
CA ASN A 213 -0.40 -15.27 13.38
C ASN A 213 -1.85 -15.25 13.83
N TYR A 214 -2.64 -14.31 13.28
CA TYR A 214 -4.02 -14.20 13.76
C TYR A 214 -4.94 -15.38 13.36
N LYS A 215 -4.51 -16.19 12.42
CA LYS A 215 -5.37 -17.30 12.01
C LYS A 215 -5.13 -18.48 12.89
N LYS A 216 -3.97 -18.57 13.52
CA LYS A 216 -3.69 -19.74 14.31
C LYS A 216 -3.32 -19.54 15.74
N ASP A 217 -3.05 -18.31 16.15
CA ASP A 217 -2.67 -18.04 17.56
C ASP A 217 -3.87 -17.41 18.26
N ASN A 218 -3.80 -17.43 19.58
CA ASN A 218 -4.79 -16.77 20.43
C ASN A 218 -4.15 -15.35 20.47
N VAL A 219 -4.70 -14.42 19.69
CA VAL A 219 -4.15 -13.06 19.59
C VAL A 219 -4.02 -12.35 20.94
N ALA A 220 -5.09 -12.37 21.76
CA ALA A 220 -5.06 -11.74 23.07
C ALA A 220 -3.95 -12.35 23.93
N GLU A 221 -3.87 -13.67 23.98
CA GLU A 221 -2.81 -14.35 24.73
C GLU A 221 -1.42 -13.91 24.22
N GLN A 222 -1.18 -13.92 22.91
CA GLN A 222 0.15 -13.55 22.41
C GLN A 222 0.48 -12.09 22.60
N LEU A 223 -0.52 -11.20 22.57
CA LEU A 223 -0.19 -9.79 22.83
C LEU A 223 0.25 -9.66 24.27
N ARG A 224 -0.44 -10.37 25.18
CA ARG A 224 -0.03 -10.26 26.57
C ARG A 224 1.40 -10.76 26.79
N GLU A 225 1.79 -11.81 26.08
CA GLU A 225 3.13 -12.33 26.23
C GLU A 225 4.20 -11.46 25.57
N SER A 226 3.90 -10.97 24.37
CA SER A 226 4.91 -10.16 23.66
C SER A 226 4.85 -8.64 23.92
N CYS A 227 3.79 -8.12 24.55
CA CYS A 227 3.70 -6.68 24.87
C CYS A 227 3.39 -6.70 26.34
N PRO A 228 4.37 -7.15 27.15
CA PRO A 228 4.17 -7.26 28.60
C PRO A 228 3.85 -5.93 29.29
N ALA A 229 4.15 -4.82 28.62
CA ALA A 229 3.90 -3.47 29.14
C ALA A 229 2.72 -2.83 28.44
N GLY A 230 1.91 -3.59 27.72
CA GLY A 230 0.80 -2.92 27.04
C GLY A 230 1.22 -2.35 25.69
N VAL A 231 0.26 -1.78 24.97
CA VAL A 231 0.53 -1.24 23.64
C VAL A 231 0.37 0.28 23.68
N ASP A 232 1.38 1.01 23.24
CA ASP A 232 1.33 2.48 23.23
C ASP A 232 0.98 3.07 21.85
N VAL A 233 1.31 2.30 20.81
CA VAL A 233 1.07 2.78 19.46
C VAL A 233 0.65 1.61 18.64
N TYR A 234 -0.47 1.76 17.92
CA TYR A 234 -0.97 0.70 17.08
C TYR A 234 -1.10 1.19 15.66
N PHE A 235 -0.30 0.65 14.76
CA PHE A 235 -0.35 1.05 13.33
C PHE A 235 -1.33 0.04 12.80
N ASP A 236 -2.56 0.52 12.57
CA ASP A 236 -3.66 -0.34 12.18
C ASP A 236 -3.90 -0.36 10.69
N ASN A 237 -3.73 -1.54 10.05
CA ASN A 237 -3.98 -1.68 8.62
C ASN A 237 -5.26 -2.48 8.38
N VAL A 238 -5.78 -3.11 9.45
CA VAL A 238 -6.86 -4.06 9.19
C VAL A 238 -8.24 -3.86 9.80
N GLY A 239 -8.26 -3.23 10.98
CA GLY A 239 -9.53 -3.02 11.67
C GLY A 239 -10.22 -4.31 12.12
N GLY A 240 -11.53 -4.29 12.22
CA GLY A 240 -12.25 -5.51 12.60
C GLY A 240 -11.90 -6.08 13.99
N ASN A 241 -12.06 -7.39 14.13
CA ASN A 241 -11.78 -8.07 15.41
C ASN A 241 -10.37 -7.99 15.86
N ILE A 242 -9.42 -8.02 14.93
CA ILE A 242 -8.02 -7.93 15.34
C ILE A 242 -7.78 -6.60 16.11
N SER A 243 -8.34 -5.52 15.59
CA SER A 243 -8.09 -4.22 16.23
C SER A 243 -8.82 -4.13 17.57
N ASP A 244 -9.98 -4.78 17.66
CA ASP A 244 -10.72 -4.75 18.93
C ASP A 244 -9.83 -5.41 19.98
N THR A 245 -9.10 -6.46 19.57
CA THR A 245 -8.24 -7.15 20.51
C THR A 245 -7.04 -6.29 20.91
N VAL A 246 -6.36 -5.71 19.92
CA VAL A 246 -5.25 -4.84 20.22
C VAL A 246 -5.75 -3.68 21.11
N ILE A 247 -6.85 -3.05 20.74
CA ILE A 247 -7.28 -1.90 21.55
C ILE A 247 -7.52 -2.27 23.00
N SER A 248 -7.95 -3.50 23.20
CA SER A 248 -8.16 -4.00 24.55
C SER A 248 -6.96 -3.94 25.43
N GLN A 249 -5.79 -3.95 24.82
CA GLN A 249 -4.53 -3.91 25.58
C GLN A 249 -3.73 -2.64 25.35
N MET A 250 -4.39 -1.61 24.86
CA MET A 250 -3.74 -0.33 24.61
C MET A 250 -3.73 0.51 25.89
N ASN A 251 -2.63 1.23 26.08
CA ASN A 251 -2.39 2.01 27.31
C ASN A 251 -3.06 3.36 27.38
N GLU A 252 -3.07 3.96 28.59
CA GLU A 252 -3.68 5.28 28.69
C GLU A 252 -2.89 6.24 27.78
N ASN A 253 -3.60 7.14 27.10
CA ASN A 253 -3.03 8.12 26.23
C ASN A 253 -2.31 7.50 25.04
N SER A 254 -2.69 6.28 24.66
CA SER A 254 -2.01 5.67 23.51
C SER A 254 -2.60 6.17 22.19
N HIS A 255 -1.96 5.78 21.08
CA HIS A 255 -2.39 6.29 19.77
C HIS A 255 -2.52 5.22 18.71
N ILE A 256 -3.65 5.22 18.03
CA ILE A 256 -3.88 4.35 16.90
C ILE A 256 -3.57 5.15 15.61
N ILE A 257 -2.58 4.72 14.81
CA ILE A 257 -2.34 5.36 13.52
C ILE A 257 -3.34 4.60 12.63
N LEU A 258 -4.42 5.24 12.20
CA LEU A 258 -5.46 4.52 11.47
C LEU A 258 -5.08 4.58 9.99
N CYS A 259 -4.27 3.63 9.55
CA CYS A 259 -3.78 3.54 8.20
C CYS A 259 -4.88 3.03 7.30
N GLY A 260 -5.46 1.89 7.66
CA GLY A 260 -6.58 1.41 6.86
C GLY A 260 -7.39 0.37 7.65
N GLN A 261 -8.45 -0.19 7.07
CA GLN A 261 -9.25 -1.19 7.78
C GLN A 261 -9.62 -2.26 6.79
N ILE A 262 -8.61 -2.87 6.18
CA ILE A 262 -8.89 -3.84 5.12
C ILE A 262 -9.89 -4.99 5.43
N SER A 263 -10.00 -5.43 6.69
CA SER A 263 -10.93 -6.55 6.99
C SER A 263 -12.41 -6.11 6.69
N GLN A 264 -12.57 -4.81 6.51
CA GLN A 264 -13.92 -4.23 6.28
C GLN A 264 -14.16 -3.74 4.88
N TYR A 265 -13.16 -3.86 4.02
CA TYR A 265 -13.34 -3.33 2.68
C TYR A 265 -14.35 -4.05 1.77
N ASN A 266 -14.76 -5.24 2.15
CA ASN A 266 -15.77 -5.92 1.33
C ASN A 266 -17.16 -5.82 1.99
N LYS A 267 -17.40 -4.77 2.81
CA LYS A 267 -18.70 -4.51 3.48
C LYS A 267 -19.09 -3.07 3.23
N ASP A 268 -20.40 -2.75 3.20
CA ASP A 268 -20.80 -1.34 2.94
C ASP A 268 -20.74 -0.31 4.09
N VAL A 269 -20.08 -0.68 5.18
CA VAL A 269 -19.97 0.26 6.30
C VAL A 269 -19.16 1.49 5.87
N PRO A 270 -19.57 2.71 6.25
CA PRO A 270 -18.79 3.89 5.84
C PRO A 270 -17.38 3.81 6.43
N TYR A 271 -16.42 4.52 5.86
CA TYR A 271 -15.06 4.45 6.41
C TYR A 271 -14.70 5.65 7.26
N PRO A 272 -14.06 5.44 8.41
CA PRO A 272 -13.65 4.17 9.01
C PRO A 272 -14.80 3.69 9.84
N PRO A 273 -14.98 2.38 9.95
CA PRO A 273 -16.08 1.86 10.75
C PRO A 273 -15.96 2.28 12.22
N PRO A 274 -17.08 2.42 12.92
CA PRO A 274 -17.00 2.79 14.33
C PRO A 274 -16.55 1.54 15.11
N LEU A 275 -16.08 1.78 16.33
CA LEU A 275 -15.72 0.71 17.23
C LEU A 275 -17.04 0.36 17.91
N SER A 276 -17.17 -0.90 18.28
CA SER A 276 -18.35 -1.36 19.00
C SER A 276 -18.46 -0.63 20.37
N PRO A 277 -19.67 -0.60 20.94
CA PRO A 277 -19.81 0.10 22.21
C PRO A 277 -18.79 -0.24 23.26
N ALA A 278 -18.50 -1.51 23.43
CA ALA A 278 -17.57 -1.85 24.48
C ALA A 278 -16.15 -1.40 24.17
N ILE A 279 -15.75 -1.51 22.92
CA ILE A 279 -14.39 -1.11 22.56
C ILE A 279 -14.29 0.43 22.54
N GLU A 280 -15.34 1.10 22.09
CA GLU A 280 -15.28 2.55 22.07
C GLU A 280 -15.20 3.02 23.52
N ALA A 281 -15.83 2.29 24.40
CA ALA A 281 -15.79 2.64 25.82
C ALA A 281 -14.36 2.59 26.36
N ILE A 282 -13.59 1.61 25.90
CA ILE A 282 -12.23 1.51 26.36
C ILE A 282 -11.45 2.69 25.80
N GLN A 283 -11.71 2.97 24.54
CA GLN A 283 -11.05 4.08 23.86
C GLN A 283 -11.29 5.37 24.62
N LYS A 284 -12.54 5.62 24.98
CA LYS A 284 -12.86 6.82 25.72
C LYS A 284 -12.28 6.79 27.13
N GLU A 285 -12.42 5.67 27.86
CA GLU A 285 -11.86 5.60 29.20
C GLU A 285 -10.37 5.83 29.24
N ARG A 286 -9.63 5.24 28.30
CA ARG A 286 -8.18 5.38 28.36
C ARG A 286 -7.58 6.52 27.54
N ASN A 287 -8.44 7.33 26.96
CA ASN A 287 -8.02 8.45 26.15
C ASN A 287 -7.11 8.00 25.00
N ILE A 288 -7.56 7.02 24.25
CA ILE A 288 -6.82 6.50 23.11
C ILE A 288 -7.25 7.33 21.91
N THR A 289 -6.28 7.85 21.17
CA THR A 289 -6.60 8.70 20.03
C THR A 289 -6.74 7.82 18.74
N ARG A 290 -7.80 8.03 17.96
CA ARG A 290 -8.00 7.26 16.70
C ARG A 290 -8.52 8.24 15.63
N GLU A 291 -7.64 8.97 14.97
CA GLU A 291 -8.10 9.96 13.95
C GLU A 291 -7.87 9.39 12.58
N ARG A 292 -8.58 9.88 11.59
CA ARG A 292 -8.42 9.43 10.23
C ARG A 292 -7.06 9.91 9.76
N PHE A 293 -6.49 9.18 8.81
CA PHE A 293 -5.21 9.56 8.23
C PHE A 293 -5.29 9.20 6.75
N LEU A 294 -5.06 10.18 5.87
CA LEU A 294 -5.15 9.91 4.44
C LEU A 294 -3.86 10.50 3.90
N VAL A 295 -3.03 9.65 3.29
CA VAL A 295 -1.71 10.18 2.87
C VAL A 295 -1.81 11.32 1.85
N LEU A 296 -2.89 11.34 1.07
CA LEU A 296 -3.10 12.38 0.04
C LEU A 296 -3.28 13.77 0.70
N ASN A 297 -3.49 13.81 1.99
CA ASN A 297 -3.62 15.12 2.68
C ASN A 297 -2.25 15.71 3.03
N TYR A 298 -1.18 15.06 2.62
CA TYR A 298 0.18 15.49 2.97
C TYR A 298 1.15 15.52 1.80
N LYS A 299 0.69 15.91 0.63
CA LYS A 299 1.56 15.86 -0.54
C LYS A 299 2.82 16.69 -0.43
N ASP A 300 2.74 17.72 0.41
CA ASP A 300 3.86 18.62 0.62
C ASP A 300 4.98 17.90 1.38
N LYS A 301 4.67 16.76 1.99
CA LYS A 301 5.70 16.05 2.74
C LYS A 301 6.27 14.93 1.90
N PHE A 302 5.79 14.80 0.66
CA PHE A 302 6.21 13.69 -0.18
C PHE A 302 7.67 13.67 -0.59
N GLU A 303 8.18 14.79 -1.14
CA GLU A 303 9.56 14.79 -1.56
C GLU A 303 10.54 14.47 -0.48
N PRO A 304 10.46 15.15 0.68
CA PRO A 304 11.39 14.83 1.74
C PRO A 304 11.12 13.43 2.32
N GLY A 305 9.88 12.92 2.23
CA GLY A 305 9.60 11.56 2.72
C GLY A 305 10.29 10.52 1.86
N ILE A 306 10.24 10.73 0.55
CA ILE A 306 10.89 9.82 -0.41
C ILE A 306 12.40 9.85 -0.17
N LEU A 307 12.97 11.05 0.08
CA LEU A 307 14.43 11.06 0.30
C LEU A 307 14.77 10.35 1.60
N GLN A 308 13.93 10.50 2.60
CA GLN A 308 14.20 9.83 3.85
C GLN A 308 14.13 8.34 3.69
N LEU A 309 13.10 7.86 3.02
CA LEU A 309 12.93 6.41 2.76
C LEU A 309 14.10 5.87 1.90
N SER A 310 14.48 6.63 0.88
CA SER A 310 15.61 6.25 0.01
C SER A 310 16.88 6.14 0.88
N GLN A 311 17.16 7.15 1.71
CA GLN A 311 18.37 7.15 2.58
C GLN A 311 18.43 5.94 3.50
N TRP A 312 17.32 5.66 4.18
CA TRP A 312 17.29 4.48 5.05
C TRP A 312 17.59 3.20 4.27
N PHE A 313 17.06 3.12 3.06
CA PHE A 313 17.30 1.96 2.21
C PHE A 313 18.79 1.90 1.86
N LYS A 314 19.34 3.01 1.38
CA LYS A 314 20.76 3.04 1.01
C LYS A 314 21.72 2.87 2.20
N GLU A 315 21.23 3.18 3.39
CA GLU A 315 22.04 3.02 4.58
C GLU A 315 22.06 1.56 5.05
N GLY A 316 21.32 0.67 4.38
CA GLY A 316 21.29 -0.71 4.79
C GLY A 316 20.32 -0.98 5.95
N LYS A 317 19.53 0.01 6.29
CA LYS A 317 18.59 -0.17 7.38
C LYS A 317 17.21 -0.61 6.95
N LEU A 318 16.63 0.03 5.94
CA LEU A 318 15.25 -0.37 5.58
C LEU A 318 15.22 -1.57 4.64
N LYS A 319 14.56 -2.66 5.04
CA LYS A 319 14.46 -3.87 4.21
C LYS A 319 13.19 -3.74 3.37
N ILE A 320 13.33 -3.86 2.06
CA ILE A 320 12.17 -3.66 1.18
C ILE A 320 11.75 -4.99 0.60
N LYS A 321 10.53 -5.38 0.89
CA LYS A 321 10.05 -6.66 0.41
C LYS A 321 8.98 -6.48 -0.65
N GLU A 322 8.94 -7.39 -1.63
CA GLU A 322 7.84 -7.32 -2.64
C GLU A 322 7.51 -8.73 -3.12
N THR A 323 6.34 -8.84 -3.70
CA THR A 323 5.89 -10.08 -4.30
C THR A 323 5.55 -9.77 -5.76
N VAL A 324 6.09 -10.57 -6.64
CA VAL A 324 5.88 -10.33 -8.04
C VAL A 324 5.11 -11.39 -8.77
N ILE A 325 4.15 -10.93 -9.57
CA ILE A 325 3.33 -11.76 -10.44
C ILE A 325 3.61 -11.22 -11.86
N ASN A 326 3.68 -12.09 -12.87
CA ASN A 326 4.00 -11.59 -14.25
C ASN A 326 2.85 -11.61 -15.19
N GLY A 327 2.81 -10.61 -16.08
CA GLY A 327 1.83 -10.55 -17.15
C GLY A 327 0.61 -9.71 -16.87
N LEU A 328 0.28 -8.83 -17.81
CA LEU A 328 -0.89 -7.98 -17.65
C LEU A 328 -2.14 -8.90 -17.51
N GLU A 329 -2.14 -10.08 -18.14
CA GLU A 329 -3.33 -10.94 -18.02
C GLU A 329 -3.56 -11.40 -16.56
N ASN A 330 -2.56 -11.20 -15.70
CA ASN A 330 -2.71 -11.54 -14.29
C ASN A 330 -3.01 -10.39 -13.34
N MET A 331 -3.38 -9.22 -13.89
CA MET A 331 -3.67 -8.10 -12.99
C MET A 331 -4.80 -8.47 -12.06
N GLY A 332 -5.86 -9.08 -12.59
CA GLY A 332 -7.00 -9.43 -11.76
C GLY A 332 -6.66 -10.44 -10.66
N ALA A 333 -5.93 -11.46 -11.04
CA ALA A 333 -5.52 -12.48 -10.07
C ALA A 333 -4.59 -11.88 -9.04
N ALA A 334 -3.77 -10.91 -9.44
CA ALA A 334 -2.82 -10.33 -8.48
C ALA A 334 -3.55 -9.46 -7.46
N PHE A 335 -4.58 -8.78 -7.91
CA PHE A 335 -5.32 -7.95 -7.00
C PHE A 335 -6.04 -8.88 -6.00
N GLN A 336 -6.66 -9.93 -6.52
CA GLN A 336 -7.37 -10.90 -5.67
C GLN A 336 -6.41 -11.56 -4.69
N SER A 337 -5.24 -11.92 -5.16
CA SER A 337 -4.26 -12.55 -4.31
C SER A 337 -3.81 -11.61 -3.18
N MET A 338 -3.51 -10.36 -3.52
CA MET A 338 -3.05 -9.41 -2.50
C MET A 338 -4.18 -9.16 -1.49
N MET A 339 -5.42 -9.03 -1.96
CA MET A 339 -6.53 -8.81 -1.00
C MET A 339 -6.72 -9.98 -0.04
N THR A 340 -6.24 -11.15 -0.45
CA THR A 340 -6.42 -12.32 0.40
C THR A 340 -5.15 -12.88 0.98
N GLY A 341 -4.06 -12.10 0.96
CA GLY A 341 -2.87 -12.54 1.71
C GLY A 341 -1.76 -13.23 0.99
N GLY A 342 -1.84 -13.28 -0.33
CA GLY A 342 -0.79 -13.97 -1.07
C GLY A 342 0.54 -13.27 -1.11
N ASN A 343 0.56 -11.96 -0.84
CA ASN A 343 1.79 -11.18 -0.91
C ASN A 343 2.54 -11.01 0.43
N ILE A 344 3.86 -10.99 0.30
CA ILE A 344 4.74 -10.64 1.35
C ILE A 344 5.26 -9.29 0.83
N GLY A 345 5.13 -8.22 1.61
CA GLY A 345 5.60 -6.94 1.10
C GLY A 345 4.67 -6.38 0.02
N LYS A 346 5.20 -5.48 -0.79
CA LYS A 346 4.39 -4.85 -1.82
C LYS A 346 4.04 -5.78 -3.01
N GLN A 347 2.75 -5.90 -3.34
CA GLN A 347 2.39 -6.70 -4.51
C GLN A 347 2.65 -5.87 -5.72
N ILE A 348 3.33 -6.45 -6.70
CA ILE A 348 3.70 -5.81 -7.93
C ILE A 348 3.40 -6.76 -9.10
N VAL A 349 3.09 -6.19 -10.27
CA VAL A 349 2.87 -7.05 -11.46
C VAL A 349 3.87 -6.57 -12.49
N CYS A 350 4.70 -7.48 -12.98
CA CYS A 350 5.72 -7.12 -13.96
C CYS A 350 5.09 -7.27 -15.35
N ILE A 351 5.03 -6.14 -16.08
CA ILE A 351 4.37 -6.17 -17.41
C ILE A 351 5.41 -6.40 -18.55
N SER A 352 6.62 -5.85 -18.41
CA SER A 352 7.70 -5.99 -19.40
C SER A 352 9.06 -5.68 -18.74
N GLU A 353 10.13 -6.17 -19.35
CA GLU A 353 11.49 -5.91 -18.85
C GLU A 353 12.28 -5.30 -19.98
N GLU A 354 11.60 -5.15 -21.09
CA GLU A 354 12.19 -4.60 -22.29
C GLU A 354 12.50 -3.11 -22.11
N ILE A 355 13.78 -2.75 -22.05
CA ILE A 355 14.19 -1.34 -21.85
C ILE A 355 15.23 -0.77 -22.83
N SER A 356 15.39 -1.40 -24.00
CA SER A 356 16.38 -0.93 -24.97
C SER A 356 15.88 0.00 -26.12
PA NDP B . -0.79 -5.04 1.94
O1A NDP B . 0.44 -5.25 1.20
O2A NDP B . -0.84 -4.99 3.40
O5B NDP B . -1.78 -6.14 1.35
C5B NDP B . -3.03 -6.42 2.00
C4B NDP B . -2.82 -7.44 3.15
O4B NDP B . -3.97 -7.28 4.05
C3B NDP B . -2.91 -8.86 2.70
O3B NDP B . -1.64 -9.33 2.20
C2B NDP B . -3.35 -9.58 3.97
O2B NDP B . -2.28 -10.15 4.73
C1B NDP B . -4.10 -8.53 4.79
N9A NDP B . -5.54 -8.84 4.94
C8A NDP B . -6.44 -9.01 3.94
N7A NDP B . -7.64 -9.29 4.35
C5A NDP B . -7.54 -9.31 5.70
C6A NDP B . -8.52 -9.56 6.69
N6A NDP B . -9.79 -9.82 6.37
N1A NDP B . -8.10 -9.49 8.00
C2A NDP B . -6.80 -9.19 8.32
N3A NDP B . -5.78 -8.95 7.42
C4A NDP B . -6.23 -9.02 6.10
O3 NDP B . -1.47 -3.66 1.38
PN NDP B . -1.03 -2.13 1.70
O1N NDP B . 0.16 -2.22 2.57
O2N NDP B . -0.99 -1.38 0.43
O5D NDP B . -2.24 -1.52 2.56
C5D NDP B . -2.45 -1.96 3.93
C4D NDP B . -3.48 -1.10 4.52
O4D NDP B . -3.03 0.26 4.44
C3D NDP B . -4.89 -1.07 3.83
O3D NDP B . -5.90 -1.02 4.79
C2D NDP B . -4.81 0.16 2.96
O2D NDP B . -6.13 0.62 2.77
C1D NDP B . -4.03 1.07 3.85
N1N NDP B . -3.43 2.26 3.17
C2N NDP B . -3.83 3.49 3.63
C3N NDP B . -3.37 4.66 3.09
C7N NDP B . -3.78 5.99 3.63
O7N NDP B . -3.58 6.98 2.94
N7N NDP B . -4.28 5.96 4.88
C4N NDP B . -2.45 4.60 2.01
C5N NDP B . -2.03 3.36 1.52
C6N NDP B . -2.50 2.19 2.07
P2B NDP B . -2.46 -11.27 5.90
O1X NDP B . -1.69 -10.81 7.10
O2X NDP B . -3.95 -11.32 6.18
O3X NDP B . -1.95 -12.56 5.35
N1 NCA C . -6.54 7.02 -1.07
C2 NCA C . -6.84 6.07 -0.10
C3 NCA C . -5.98 5.00 0.16
C4 NCA C . -4.74 4.91 -0.60
C5 NCA C . -4.44 5.89 -1.60
C6 NCA C . -5.33 6.95 -1.83
C7 NCA C . -6.30 3.91 1.21
O7 NCA C . -5.69 2.84 1.19
N7 NCA C . -7.30 4.15 2.05
#